data_6GJ0
#
_entry.id   6GJ0
#
_cell.length_a   84.940
_cell.length_b   84.940
_cell.length_c   152.510
_cell.angle_alpha   90.00
_cell.angle_beta   90.00
_cell.angle_gamma   120.00
#
_symmetry.space_group_name_H-M   'P 32 2 1'
#
loop_
_entity.id
_entity.type
_entity.pdbx_description
1 polymer 'Inositol monophosphatase 1'
2 non-polymer 'MANGANESE (II) ION'
3 non-polymer GLYCEROL
4 non-polymer '2-(N-MORPHOLINO)-ETHANESULFONIC ACID'
5 water water
#
_entity_poly.entity_id   1
_entity_poly.type   'polypeptide(L)'
_entity_poly.pdbx_seq_one_letter_code
;MADPWQECMDYAVTLARQAGEVVCEAIKNEMNVMLKSSPVDLVTATDQKVEKMLISSIKEKYPSHSFIGEESVAAGEKSI
LTDNPTWIIDPIDGTTNFVHRFPFVAVSIGFAVNKKIEFGVVYSCVEGKMYTARKGKGAFCNGQKLQVSQQEDITKSLLV
TELGSSRTPETVRMVLSNMEKLFCIPVHGIRSVGTAAVNMCLVATGGADAYYEMGIHCWDVAGAGIIVTEAGGVLMDVTG
GPFDLMSRRVIAANNRILAERIAKEIQVIPLQRDDED
;
_entity_poly.pdbx_strand_id   A,B
#
loop_
_chem_comp.id
_chem_comp.type
_chem_comp.name
_chem_comp.formula
GOL non-polymer GLYCEROL 'C3 H8 O3'
MES non-polymer '2-(N-MORPHOLINO)-ETHANESULFONIC ACID' 'C6 H13 N O4 S'
MN non-polymer 'MANGANESE (II) ION' 'Mn 2'
#
# COMPACT_ATOMS: atom_id res chain seq x y z
N PRO A 4 -24.63 -2.70 -27.01
CA PRO A 4 -24.82 -1.64 -26.01
C PRO A 4 -23.75 -0.54 -26.12
N TRP A 5 -23.13 -0.27 -24.98
CA TRP A 5 -21.94 0.56 -24.91
C TRP A 5 -20.72 -0.34 -24.91
N GLN A 6 -20.93 -1.60 -25.30
CA GLN A 6 -19.87 -2.59 -25.22
C GLN A 6 -18.71 -2.24 -26.13
N GLU A 7 -19.02 -1.69 -27.30
CA GLU A 7 -17.99 -1.33 -28.26
C GLU A 7 -17.12 -0.19 -27.71
N CYS A 8 -17.76 0.81 -27.10
CA CYS A 8 -17.00 1.88 -26.46
C CYS A 8 -16.13 1.32 -25.36
N MET A 9 -16.70 0.45 -24.56
CA MET A 9 -15.95 -0.10 -23.44
C MET A 9 -14.76 -0.93 -23.88
N ASP A 10 -14.97 -1.79 -24.88
CA ASP A 10 -13.87 -2.59 -25.42
C ASP A 10 -12.76 -1.67 -25.90
N TYR A 11 -13.14 -0.58 -26.57
CA TYR A 11 -12.18 0.41 -27.02
C TYR A 11 -11.43 1.06 -25.86
N ALA A 12 -12.17 1.44 -24.81
CA ALA A 12 -11.57 2.05 -23.62
C ALA A 12 -10.52 1.11 -23.00
N VAL A 13 -10.82 -0.18 -22.97
CA VAL A 13 -9.86 -1.13 -22.41
C VAL A 13 -8.58 -1.16 -23.23
N THR A 14 -8.70 -1.19 -24.56
N THR A 14 -8.65 -1.18 -24.56
CA THR A 14 -7.50 -1.20 -25.40
CA THR A 14 -7.41 -1.23 -25.33
C THR A 14 -6.71 0.09 -25.18
C THR A 14 -6.68 0.12 -25.28
N LEU A 15 -7.39 1.22 -25.13
CA LEU A 15 -6.71 2.52 -24.91
C LEU A 15 -6.01 2.55 -23.55
N ALA A 16 -6.68 2.04 -22.51
CA ALA A 16 -6.09 2.00 -21.18
C ALA A 16 -4.80 1.17 -21.17
N ARG A 17 -4.82 0.06 -21.91
N ARG A 17 -4.81 0.03 -21.86
CA ARG A 17 -3.67 -0.83 -22.01
CA ARG A 17 -3.62 -0.83 -21.88
C ARG A 17 -2.51 -0.12 -22.74
C ARG A 17 -2.49 -0.14 -22.65
N GLN A 18 -2.79 0.59 -23.83
N GLN A 18 -2.83 0.52 -23.75
CA GLN A 18 -1.74 1.32 -24.54
CA GLN A 18 -1.86 1.31 -24.52
C GLN A 18 -1.16 2.44 -23.67
C GLN A 18 -1.20 2.40 -23.66
N ALA A 19 -2.03 3.14 -22.94
CA ALA A 19 -1.58 4.18 -22.04
C ALA A 19 -0.71 3.58 -20.94
N GLY A 20 -1.13 2.42 -20.41
CA GLY A 20 -0.35 1.76 -19.39
C GLY A 20 1.04 1.38 -19.87
N GLU A 21 1.14 0.97 -21.13
CA GLU A 21 2.44 0.65 -21.70
C GLU A 21 3.36 1.87 -21.70
N VAL A 22 2.80 3.02 -22.10
CA VAL A 22 3.53 4.29 -22.07
C VAL A 22 4.02 4.61 -20.67
N VAL A 23 3.15 4.44 -19.68
CA VAL A 23 3.49 4.72 -18.29
C VAL A 23 4.59 3.76 -17.78
N CYS A 24 4.45 2.48 -18.12
N CYS A 24 4.46 2.48 -18.13
CA CYS A 24 5.44 1.50 -17.69
CA CYS A 24 5.41 1.47 -17.69
C CYS A 24 6.82 1.78 -18.24
C CYS A 24 6.81 1.74 -18.25
N GLU A 25 6.89 2.15 -19.51
CA GLU A 25 8.16 2.48 -20.12
C GLU A 25 8.74 3.73 -19.45
N ALA A 26 7.90 4.72 -19.17
CA ALA A 26 8.37 5.98 -18.60
C ALA A 26 8.85 5.84 -17.14
N ILE A 27 8.24 4.92 -16.40
CA ILE A 27 8.53 4.80 -14.98
C ILE A 27 9.96 4.30 -14.77
N LYS A 28 10.53 3.73 -15.82
CA LYS A 28 11.88 3.20 -15.76
C LYS A 28 12.92 4.25 -16.18
N ASN A 29 12.46 5.40 -16.65
CA ASN A 29 13.36 6.44 -17.13
C ASN A 29 13.41 7.65 -16.21
N GLU A 30 14.33 8.56 -16.50
CA GLU A 30 14.52 9.78 -15.72
C GLU A 30 13.23 10.58 -15.60
N MET A 31 13.01 11.12 -14.41
CA MET A 31 11.84 11.93 -14.11
C MET A 31 12.15 13.43 -14.12
N ASN A 32 11.45 14.18 -14.96
CA ASN A 32 11.41 15.63 -14.79
C ASN A 32 10.11 16.04 -14.09
N VAL A 33 10.20 16.28 -12.78
CA VAL A 33 9.00 16.51 -11.98
C VAL A 33 8.61 17.97 -11.95
N MET A 34 7.36 18.23 -12.30
CA MET A 34 6.83 19.59 -12.31
C MET A 34 5.78 19.74 -11.23
N LEU A 35 5.53 20.98 -10.83
CA LEU A 35 4.55 21.25 -9.81
C LEU A 35 3.32 21.92 -10.39
N LYS A 36 2.18 21.65 -9.77
CA LYS A 36 0.96 22.35 -10.13
C LYS A 36 0.65 23.34 -9.01
N SER A 37 -0.30 23.01 -8.12
CA SER A 37 -0.81 23.97 -7.13
C SER A 37 0.02 24.09 -5.85
N SER A 38 0.93 23.16 -5.61
CA SER A 38 1.72 23.13 -4.39
C SER A 38 3.00 22.35 -4.61
N PRO A 39 3.92 22.36 -3.62
CA PRO A 39 5.14 21.55 -3.77
C PRO A 39 4.91 20.05 -3.69
N VAL A 40 3.69 19.61 -3.39
CA VAL A 40 3.43 18.17 -3.36
C VAL A 40 2.39 17.76 -4.40
N ASP A 41 2.00 18.70 -5.25
CA ASP A 41 1.00 18.45 -6.29
C ASP A 41 1.74 18.28 -7.60
N LEU A 42 2.07 17.04 -7.95
CA LEU A 42 3.06 16.79 -9.01
C LEU A 42 2.46 16.48 -10.38
N VAL A 43 3.26 16.70 -11.41
CA VAL A 43 2.86 16.31 -12.75
C VAL A 43 4.12 16.11 -13.58
N THR A 44 4.05 15.21 -14.56
CA THR A 44 5.14 15.00 -15.50
C THR A 44 4.63 15.11 -16.92
N ALA A 45 5.57 15.13 -17.86
CA ALA A 45 5.19 15.19 -19.26
C ALA A 45 4.37 13.95 -19.62
N THR A 46 4.60 12.86 -18.89
CA THR A 46 3.91 11.61 -19.17
C THR A 46 2.43 11.72 -18.83
N ASP A 47 2.09 12.38 -17.72
CA ASP A 47 0.67 12.62 -17.41
C ASP A 47 0.00 13.31 -18.59
N GLN A 48 0.66 14.38 -19.06
CA GLN A 48 0.07 15.22 -20.09
C GLN A 48 0.00 14.50 -21.44
N LYS A 49 1.07 13.78 -21.78
CA LYS A 49 1.12 13.05 -23.05
C LYS A 49 0.07 11.93 -23.12
N VAL A 50 -0.09 11.20 -22.02
CA VAL A 50 -1.08 10.13 -21.99
C VAL A 50 -2.48 10.70 -22.12
N GLU A 51 -2.75 11.81 -21.45
CA GLU A 51 -4.10 12.36 -21.50
C GLU A 51 -4.42 12.83 -22.91
N LYS A 52 -3.45 13.48 -23.55
CA LYS A 52 -3.70 13.94 -24.91
C LYS A 52 -3.83 12.77 -25.90
N MET A 53 -3.09 11.69 -25.67
CA MET A 53 -3.25 10.49 -26.50
C MET A 53 -4.65 9.91 -26.34
N LEU A 54 -5.11 9.80 -25.10
CA LEU A 54 -6.41 9.21 -24.85
C LEU A 54 -7.51 10.04 -25.49
N ILE A 55 -7.46 11.35 -25.26
CA ILE A 55 -8.54 12.20 -25.72
C ILE A 55 -8.58 12.26 -27.25
N SER A 56 -7.40 12.32 -27.87
CA SER A 56 -7.34 12.37 -29.33
CA SER A 56 -7.31 12.35 -29.33
C SER A 56 -7.85 11.05 -29.94
N SER A 57 -7.50 9.93 -29.32
CA SER A 57 -7.96 8.63 -29.79
C SER A 57 -9.46 8.48 -29.68
N ILE A 58 -10.01 8.87 -28.53
CA ILE A 58 -11.45 8.81 -28.35
C ILE A 58 -12.16 9.75 -29.32
N LYS A 59 -11.61 10.95 -29.48
CA LYS A 59 -12.20 11.97 -30.35
C LYS A 59 -12.32 11.46 -31.79
N GLU A 60 -11.30 10.77 -32.26
CA GLU A 60 -11.30 10.22 -33.61
C GLU A 60 -12.44 9.24 -33.81
N LYS A 61 -12.63 8.32 -32.86
CA LYS A 61 -13.64 7.28 -33.01
C LYS A 61 -15.04 7.77 -32.62
N TYR A 62 -15.12 8.68 -31.65
CA TYR A 62 -16.41 9.14 -31.14
C TYR A 62 -16.42 10.67 -31.05
N PRO A 63 -16.49 11.36 -32.20
CA PRO A 63 -16.35 12.82 -32.29
C PRO A 63 -17.39 13.61 -31.52
N SER A 64 -18.56 13.02 -31.27
CA SER A 64 -19.63 13.76 -30.62
C SER A 64 -19.56 13.65 -29.10
N HIS A 65 -18.62 12.85 -28.60
CA HIS A 65 -18.55 12.62 -27.16
C HIS A 65 -17.82 13.75 -26.44
N SER A 66 -18.06 13.85 -25.14
CA SER A 66 -17.46 14.88 -24.30
C SER A 66 -16.34 14.32 -23.43
N PHE A 67 -15.52 15.21 -22.86
CA PHE A 67 -14.38 14.79 -22.05
C PHE A 67 -14.25 15.60 -20.79
N ILE A 68 -13.87 14.91 -19.72
CA ILE A 68 -13.38 15.60 -18.53
C ILE A 68 -12.08 14.92 -18.18
N GLY A 69 -10.97 15.63 -18.26
CA GLY A 69 -9.67 15.04 -17.93
C GLY A 69 -8.90 15.89 -16.94
N GLU A 70 -8.19 15.25 -16.03
CA GLU A 70 -7.45 15.97 -14.99
C GLU A 70 -6.57 17.07 -15.54
N GLU A 71 -5.67 16.71 -16.44
CA GLU A 71 -4.69 17.68 -16.91
C GLU A 71 -5.31 18.70 -17.88
N SER A 72 -6.40 18.32 -18.53
CA SER A 72 -7.09 19.26 -19.42
C SER A 72 -7.77 20.34 -18.60
N VAL A 73 -8.32 19.93 -17.46
CA VAL A 73 -8.87 20.88 -16.50
C VAL A 73 -7.76 21.81 -16.02
N ALA A 74 -6.57 21.26 -15.78
CA ALA A 74 -5.43 22.09 -15.40
C ALA A 74 -5.11 23.09 -16.51
N ALA A 75 -5.37 22.68 -17.76
CA ALA A 75 -5.13 23.55 -18.91
C ALA A 75 -6.27 24.54 -19.09
N GLY A 76 -7.27 24.47 -18.23
CA GLY A 76 -8.35 25.45 -18.24
C GLY A 76 -9.71 24.93 -18.65
N GLU A 77 -9.80 23.67 -19.06
CA GLU A 77 -11.09 23.09 -19.44
C GLU A 77 -12.00 22.96 -18.23
N LYS A 78 -13.31 22.95 -18.46
CA LYS A 78 -14.27 22.85 -17.37
C LYS A 78 -14.55 21.40 -17.02
N SER A 79 -14.91 21.16 -15.77
CA SER A 79 -15.36 19.84 -15.35
C SER A 79 -16.87 19.90 -15.15
N ILE A 80 -17.58 20.12 -16.25
CA ILE A 80 -19.03 20.11 -16.24
C ILE A 80 -19.52 18.82 -16.87
N LEU A 81 -20.37 18.09 -16.15
CA LEU A 81 -20.89 16.83 -16.66
C LEU A 81 -22.29 17.01 -17.20
N THR A 82 -22.45 16.87 -18.52
CA THR A 82 -23.77 16.91 -19.14
C THR A 82 -24.32 15.50 -19.35
N ASP A 83 -25.47 15.42 -19.99
CA ASP A 83 -26.08 14.13 -20.36
C ASP A 83 -25.35 13.47 -21.53
N ASN A 84 -24.58 14.25 -22.27
CA ASN A 84 -23.82 13.74 -23.41
C ASN A 84 -22.88 12.62 -22.94
N PRO A 85 -22.67 11.58 -23.78
CA PRO A 85 -21.66 10.57 -23.42
C PRO A 85 -20.34 11.26 -23.11
N THR A 86 -19.79 10.98 -21.94
CA THR A 86 -18.64 11.71 -21.43
C THR A 86 -17.58 10.77 -20.86
N TRP A 87 -16.36 10.94 -21.34
CA TRP A 87 -15.19 10.20 -20.88
C TRP A 87 -14.52 11.02 -19.79
N ILE A 88 -14.40 10.42 -18.61
CA ILE A 88 -13.80 11.07 -17.46
C ILE A 88 -12.48 10.37 -17.14
N ILE A 89 -11.39 11.07 -17.36
CA ILE A 89 -10.08 10.46 -17.47
C ILE A 89 -9.11 10.98 -16.42
N ASP A 90 -8.48 10.05 -15.72
CA ASP A 90 -7.28 10.34 -14.97
C ASP A 90 -6.14 9.59 -15.69
N PRO A 91 -5.27 10.34 -16.39
CA PRO A 91 -4.29 9.65 -17.23
C PRO A 91 -3.25 8.87 -16.42
N ILE A 92 -2.85 9.42 -15.27
CA ILE A 92 -2.04 8.74 -14.27
C ILE A 92 -2.60 9.06 -12.91
N ASP A 93 -3.31 8.09 -12.32
CA ASP A 93 -3.74 8.25 -10.96
C ASP A 93 -2.65 7.64 -10.08
N GLY A 94 -2.04 8.47 -9.24
CA GLY A 94 -0.85 8.09 -8.51
C GLY A 94 0.43 8.64 -9.12
N THR A 95 0.43 9.90 -9.55
CA THR A 95 1.62 10.54 -10.09
C THR A 95 2.76 10.58 -9.07
N THR A 96 2.44 10.78 -7.80
CA THR A 96 3.51 10.74 -6.79
C THR A 96 4.11 9.34 -6.75
N ASN A 97 3.27 8.31 -6.74
CA ASN A 97 3.80 6.96 -6.88
C ASN A 97 4.66 6.80 -8.12
N PHE A 98 4.17 7.31 -9.25
CA PHE A 98 4.85 7.22 -10.53
C PHE A 98 6.27 7.81 -10.44
N VAL A 99 6.40 9.03 -9.95
CA VAL A 99 7.71 9.65 -9.95
C VAL A 99 8.65 8.97 -8.96
N HIS A 100 8.09 8.24 -7.99
CA HIS A 100 8.93 7.51 -7.04
C HIS A 100 9.18 6.05 -7.40
N ARG A 101 8.52 5.58 -8.46
CA ARG A 101 8.53 4.18 -8.87
C ARG A 101 7.87 3.27 -7.81
N PHE A 102 6.96 3.85 -7.04
CA PHE A 102 6.15 3.06 -6.10
C PHE A 102 5.10 2.35 -6.95
N PRO A 103 5.06 1.01 -6.90
CA PRO A 103 4.49 0.22 -8.01
C PRO A 103 2.97 0.13 -8.08
N PHE A 104 2.28 1.21 -7.73
CA PHE A 104 0.84 1.31 -7.90
C PHE A 104 0.51 2.59 -8.63
N VAL A 105 0.25 2.44 -9.92
CA VAL A 105 0.01 3.56 -10.80
C VAL A 105 -1.09 3.14 -11.75
N ALA A 106 -2.12 3.97 -11.88
CA ALA A 106 -3.29 3.55 -12.65
C ALA A 106 -3.69 4.56 -13.72
N VAL A 107 -4.17 4.04 -14.83
CA VAL A 107 -4.90 4.81 -15.83
C VAL A 107 -6.38 4.58 -15.57
N SER A 108 -7.16 5.65 -15.41
CA SER A 108 -8.58 5.49 -15.08
C SER A 108 -9.48 6.16 -16.10
N ILE A 109 -10.49 5.42 -16.54
CA ILE A 109 -11.46 5.93 -17.51
C ILE A 109 -12.85 5.57 -17.06
N GLY A 110 -13.69 6.58 -16.84
CA GLY A 110 -15.09 6.37 -16.51
C GLY A 110 -15.91 6.94 -17.65
N PHE A 111 -17.02 6.30 -17.96
CA PHE A 111 -17.84 6.70 -19.10
C PHE A 111 -19.25 6.94 -18.61
N ALA A 112 -19.72 8.16 -18.76
CA ALA A 112 -21.01 8.55 -18.20
C ALA A 112 -22.00 8.91 -19.30
N VAL A 113 -23.23 8.44 -19.16
CA VAL A 113 -24.32 8.81 -20.05
C VAL A 113 -25.47 9.26 -19.17
N ASN A 114 -26.06 10.41 -19.48
CA ASN A 114 -27.07 11.01 -18.62
C ASN A 114 -26.56 11.21 -17.20
N LYS A 115 -25.27 11.57 -17.10
CA LYS A 115 -24.62 11.86 -15.83
C LYS A 115 -24.50 10.62 -14.94
N LYS A 116 -24.72 9.44 -15.52
CA LYS A 116 -24.58 8.20 -14.76
C LYS A 116 -23.52 7.31 -15.40
N ILE A 117 -22.64 6.74 -14.58
CA ILE A 117 -21.55 5.91 -15.10
C ILE A 117 -22.06 4.59 -15.67
N GLU A 118 -21.76 4.34 -16.94
CA GLU A 118 -22.17 3.11 -17.62
C GLU A 118 -21.08 2.06 -17.62
N PHE A 119 -19.81 2.48 -17.68
CA PHE A 119 -18.71 1.54 -17.49
C PHE A 119 -17.49 2.23 -16.93
N GLY A 120 -16.58 1.44 -16.37
CA GLY A 120 -15.34 1.96 -15.85
C GLY A 120 -14.20 1.01 -16.12
N VAL A 121 -13.02 1.59 -16.32
CA VAL A 121 -11.81 0.85 -16.62
C VAL A 121 -10.68 1.43 -15.76
N VAL A 122 -10.00 0.58 -15.00
CA VAL A 122 -8.85 1.03 -14.23
C VAL A 122 -7.69 0.07 -14.47
N TYR A 123 -6.65 0.54 -15.14
CA TYR A 123 -5.52 -0.33 -15.42
C TYR A 123 -4.38 0.01 -14.48
N SER A 124 -4.11 -0.90 -13.56
CA SER A 124 -2.98 -0.74 -12.66
C SER A 124 -1.74 -1.21 -13.43
N CYS A 125 -1.02 -0.24 -14.00
N CYS A 125 -0.97 -0.23 -13.96
CA CYS A 125 0.02 -0.50 -15.01
CA CYS A 125 0.04 -0.46 -15.01
C CYS A 125 1.12 -1.43 -14.55
C CYS A 125 1.20 -1.37 -14.61
N VAL A 126 1.79 -1.08 -13.47
CA VAL A 126 3.00 -1.78 -13.06
C VAL A 126 2.72 -3.24 -12.71
N GLU A 127 1.59 -3.53 -12.08
CA GLU A 127 1.29 -4.92 -11.76
C GLU A 127 0.50 -5.62 -12.87
N GLY A 128 0.12 -4.86 -13.89
CA GLY A 128 -0.55 -5.42 -15.05
C GLY A 128 -1.95 -5.94 -14.74
N LYS A 129 -2.65 -5.24 -13.87
CA LYS A 129 -4.02 -5.63 -13.51
C LYS A 129 -5.05 -4.74 -14.16
N MET A 130 -5.87 -5.33 -15.02
CA MET A 130 -6.91 -4.58 -15.72
C MET A 130 -8.27 -4.78 -15.05
N TYR A 131 -8.76 -3.73 -14.40
CA TYR A 131 -10.04 -3.80 -13.70
C TYR A 131 -11.10 -3.16 -14.56
N THR A 132 -12.24 -3.85 -14.72
CA THR A 132 -13.31 -3.34 -15.58
C THR A 132 -14.68 -3.65 -15.01
N ALA A 133 -15.67 -2.84 -15.37
CA ALA A 133 -17.06 -3.14 -15.04
C ALA A 133 -17.98 -2.39 -15.96
N ARG A 134 -19.05 -3.07 -16.37
CA ARG A 134 -20.12 -2.44 -17.13
C ARG A 134 -21.40 -2.62 -16.34
N LYS A 135 -22.24 -1.58 -16.29
CA LYS A 135 -23.46 -1.61 -15.48
C LYS A 135 -24.29 -2.86 -15.78
N GLY A 136 -24.62 -3.61 -14.73
CA GLY A 136 -25.41 -4.82 -14.85
C GLY A 136 -24.65 -6.03 -15.38
N LYS A 137 -23.34 -5.89 -15.59
CA LYS A 137 -22.57 -6.99 -16.19
C LYS A 137 -21.47 -7.56 -15.31
N GLY A 138 -21.34 -7.03 -14.09
CA GLY A 138 -20.30 -7.52 -13.18
C GLY A 138 -18.98 -6.77 -13.30
N ALA A 139 -18.11 -7.01 -12.34
CA ALA A 139 -16.79 -6.40 -12.28
C ALA A 139 -15.72 -7.48 -12.40
N PHE A 140 -14.62 -7.17 -13.08
CA PHE A 140 -13.57 -8.16 -13.35
C PHE A 140 -12.18 -7.59 -13.14
N CYS A 141 -11.25 -8.45 -12.74
CA CYS A 141 -9.83 -8.14 -12.84
C CYS A 141 -9.11 -9.29 -13.54
N ASN A 142 -8.57 -9.02 -14.73
CA ASN A 142 -7.85 -10.03 -15.51
C ASN A 142 -8.56 -11.37 -15.59
N GLY A 143 -9.85 -11.34 -15.92
CA GLY A 143 -10.61 -12.56 -16.13
C GLY A 143 -11.21 -13.16 -14.87
N GLN A 144 -10.91 -12.55 -13.72
CA GLN A 144 -11.51 -13.01 -12.47
C GLN A 144 -12.70 -12.11 -12.07
N LYS A 145 -13.88 -12.70 -11.88
CA LYS A 145 -15.01 -11.90 -11.46
C LYS A 145 -14.87 -11.48 -9.99
N LEU A 146 -15.13 -10.21 -9.71
CA LEU A 146 -14.90 -9.68 -8.36
C LEU A 146 -16.16 -9.69 -7.50
N GLN A 147 -15.94 -9.85 -6.21
CA GLN A 147 -17.00 -9.79 -5.22
C GLN A 147 -16.45 -9.12 -3.97
N VAL A 148 -17.15 -8.10 -3.46
CA VAL A 148 -16.74 -7.44 -2.24
C VAL A 148 -16.86 -8.42 -1.06
N SER A 149 -16.22 -8.07 0.05
CA SER A 149 -16.24 -8.93 1.22
C SER A 149 -17.61 -8.91 1.87
N GLN A 150 -17.86 -9.84 2.79
CA GLN A 150 -19.16 -9.91 3.44
C GLN A 150 -19.20 -9.18 4.79
N GLN A 151 -18.05 -8.68 5.24
CA GLN A 151 -17.88 -8.17 6.59
C GLN A 151 -18.86 -7.04 6.97
N GLU A 152 -19.69 -7.28 7.99
CA GLU A 152 -20.59 -6.22 8.43
C GLU A 152 -20.20 -5.68 9.81
N ASP A 153 -19.13 -6.22 10.38
CA ASP A 153 -18.64 -5.79 11.70
C ASP A 153 -17.46 -4.83 11.51
N ILE A 154 -17.68 -3.56 11.79
CA ILE A 154 -16.64 -2.56 11.62
C ILE A 154 -15.38 -2.87 12.41
N THR A 155 -15.50 -3.56 13.56
CA THR A 155 -14.31 -3.84 14.38
C THR A 155 -13.44 -4.93 13.79
N LYS A 156 -13.91 -5.55 12.71
CA LYS A 156 -13.17 -6.57 11.99
C LYS A 156 -12.88 -6.13 10.56
N SER A 157 -12.90 -4.81 10.32
CA SER A 157 -12.74 -4.30 8.95
C SER A 157 -11.33 -3.78 8.67
N LEU A 158 -10.95 -3.86 7.40
CA LEU A 158 -9.68 -3.30 6.94
C LEU A 158 -10.01 -2.16 6.01
N LEU A 159 -9.56 -0.95 6.34
CA LEU A 159 -9.93 0.23 5.54
C LEU A 159 -8.77 0.70 4.67
N VAL A 160 -9.07 1.40 3.58
CA VAL A 160 -8.03 2.10 2.82
C VAL A 160 -8.40 3.56 2.72
N THR A 161 -7.38 4.41 2.71
CA THR A 161 -7.59 5.84 2.58
C THR A 161 -6.29 6.49 2.15
N GLU A 162 -6.30 7.80 1.93
CA GLU A 162 -5.07 8.52 1.61
C GLU A 162 -5.04 9.78 2.45
N LEU A 163 -3.85 10.31 2.68
CA LEU A 163 -3.72 11.49 3.55
C LEU A 163 -4.07 12.79 2.82
N GLY A 164 -4.11 12.75 1.49
CA GLY A 164 -4.56 13.90 0.73
C GLY A 164 -3.42 14.80 0.26
N SER A 165 -3.74 15.77 -0.59
CA SER A 165 -2.70 16.61 -1.17
C SER A 165 -2.49 17.92 -0.41
N SER A 166 -3.38 18.20 0.53
CA SER A 166 -3.24 19.42 1.33
C SER A 166 -2.15 19.27 2.39
N ARG A 167 -1.46 20.36 2.68
CA ARG A 167 -0.51 20.37 3.80
C ARG A 167 -0.85 21.50 4.78
N THR A 168 -2.05 22.07 4.63
CA THR A 168 -2.53 23.04 5.60
C THR A 168 -2.73 22.33 6.95
N PRO A 169 -2.05 22.82 8.00
CA PRO A 169 -2.08 22.17 9.31
C PRO A 169 -3.50 21.88 9.82
N GLU A 170 -4.44 22.80 9.64
CA GLU A 170 -5.81 22.58 10.08
C GLU A 170 -6.44 21.37 9.36
N THR A 171 -6.21 21.31 8.05
CA THR A 171 -6.77 20.24 7.23
C THR A 171 -6.12 18.91 7.53
N VAL A 172 -4.80 18.92 7.71
CA VAL A 172 -4.08 17.69 8.04
C VAL A 172 -4.53 17.16 9.41
N ARG A 173 -4.69 18.06 10.37
CA ARG A 173 -5.20 17.66 11.68
C ARG A 173 -6.57 16.98 11.59
N MET A 174 -7.45 17.50 10.73
N MET A 174 -7.44 17.49 10.72
CA MET A 174 -8.76 16.90 10.59
CA MET A 174 -8.77 16.91 10.58
C MET A 174 -8.68 15.53 9.92
C MET A 174 -8.70 15.54 9.90
N VAL A 175 -7.85 15.42 8.90
CA VAL A 175 -7.66 14.14 8.20
C VAL A 175 -7.15 13.09 9.19
N LEU A 176 -6.14 13.45 9.97
CA LEU A 176 -5.56 12.52 10.93
C LEU A 176 -6.50 12.25 12.10
N SER A 177 -7.32 13.24 12.45
CA SER A 177 -8.29 13.05 13.51
C SER A 177 -9.38 12.06 13.08
N ASN A 178 -9.84 12.18 11.84
CA ASN A 178 -10.80 11.23 11.29
C ASN A 178 -10.20 9.82 11.30
N MET A 179 -8.93 9.72 10.91
CA MET A 179 -8.23 8.43 10.91
C MET A 179 -8.17 7.85 12.33
N GLU A 180 -7.88 8.72 13.28
CA GLU A 180 -7.80 8.31 14.69
C GLU A 180 -9.12 7.75 15.18
N LYS A 181 -10.21 8.44 14.86
CA LYS A 181 -11.53 8.00 15.30
C LYS A 181 -11.86 6.62 14.72
N LEU A 182 -11.60 6.42 13.44
CA LEU A 182 -11.87 5.11 12.84
C LEU A 182 -10.96 4.04 13.43
N PHE A 183 -9.69 4.37 13.53
CA PHE A 183 -8.68 3.43 14.01
C PHE A 183 -9.05 2.87 15.38
N CYS A 184 -9.55 3.75 16.24
CA CYS A 184 -9.77 3.42 17.64
C CYS A 184 -11.15 2.90 17.97
N ILE A 185 -11.96 2.65 16.94
CA ILE A 185 -13.25 2.00 17.14
C ILE A 185 -13.15 0.68 17.94
N PRO A 186 -12.19 -0.21 17.62
CA PRO A 186 -11.11 -0.19 16.63
C PRO A 186 -11.51 -0.80 15.30
N VAL A 187 -10.69 -0.62 14.26
CA VAL A 187 -10.78 -1.46 13.08
C VAL A 187 -9.50 -2.30 13.04
N HIS A 188 -9.47 -3.33 12.19
CA HIS A 188 -8.30 -4.19 12.07
C HIS A 188 -7.10 -3.40 11.57
N GLY A 189 -7.34 -2.45 10.69
CA GLY A 189 -6.22 -1.66 10.21
C GLY A 189 -6.63 -0.66 9.13
N ILE A 190 -5.67 0.14 8.71
CA ILE A 190 -5.86 1.08 7.63
C ILE A 190 -4.65 0.95 6.71
N ARG A 191 -4.89 0.99 5.39
CA ARG A 191 -3.80 0.88 4.40
C ARG A 191 -3.86 2.05 3.44
N SER A 192 -2.74 2.31 2.75
CA SER A 192 -2.71 3.35 1.73
C SER A 192 -1.76 2.93 0.63
N VAL A 193 -2.24 2.67 -0.59
CA VAL A 193 -1.28 2.30 -1.63
C VAL A 193 -0.95 3.50 -2.52
N GLY A 194 -1.66 4.60 -2.34
CA GLY A 194 -1.25 5.86 -2.98
C GLY A 194 -2.03 6.25 -4.22
N THR A 195 -3.13 5.56 -4.48
CA THR A 195 -3.97 5.84 -5.62
C THR A 195 -5.41 5.55 -5.25
N ALA A 196 -6.30 6.54 -5.44
CA ALA A 196 -7.71 6.37 -5.13
C ALA A 196 -8.31 5.25 -5.95
N ALA A 197 -7.98 5.24 -7.24
CA ALA A 197 -8.57 4.25 -8.13
C ALA A 197 -8.19 2.84 -7.71
N VAL A 198 -6.93 2.64 -7.34
CA VAL A 198 -6.52 1.29 -7.00
C VAL A 198 -7.06 0.92 -5.62
N ASN A 199 -7.04 1.86 -4.68
CA ASN A 199 -7.69 1.61 -3.37
C ASN A 199 -9.12 1.12 -3.53
N MET A 200 -9.87 1.76 -4.41
CA MET A 200 -11.25 1.38 -4.65
C MET A 200 -11.33 0.02 -5.32
N CYS A 201 -10.45 -0.25 -6.29
CA CYS A 201 -10.42 -1.59 -6.87
C CYS A 201 -10.10 -2.67 -5.83
N LEU A 202 -9.26 -2.35 -4.85
CA LEU A 202 -8.97 -3.33 -3.79
C LEU A 202 -10.23 -3.64 -2.97
N VAL A 203 -11.06 -2.61 -2.74
CA VAL A 203 -12.36 -2.89 -2.10
C VAL A 203 -13.24 -3.78 -3.00
N ALA A 204 -13.24 -3.52 -4.31
CA ALA A 204 -14.02 -4.37 -5.21
C ALA A 204 -13.59 -5.85 -5.15
N THR A 205 -12.30 -6.11 -4.89
CA THR A 205 -11.81 -7.49 -4.85
C THR A 205 -12.14 -8.19 -3.54
N GLY A 206 -12.46 -7.40 -2.52
CA GLY A 206 -12.74 -7.92 -1.20
C GLY A 206 -11.51 -7.94 -0.31
N GLY A 207 -10.37 -7.54 -0.88
CA GLY A 207 -9.11 -7.50 -0.13
C GLY A 207 -9.07 -6.39 0.91
N ALA A 208 -9.89 -5.36 0.72
CA ALA A 208 -10.19 -4.36 1.75
C ALA A 208 -11.71 -4.25 1.88
N ASP A 209 -12.19 -3.79 3.01
CA ASP A 209 -13.62 -3.74 3.23
C ASP A 209 -14.26 -2.41 2.85
N ALA A 210 -13.48 -1.33 2.91
CA ALA A 210 -13.99 -0.03 2.51
C ALA A 210 -12.87 0.97 2.30
N TYR A 211 -13.18 1.97 1.48
CA TYR A 211 -12.33 3.10 1.20
C TYR A 211 -13.08 4.39 1.50
N TYR A 212 -12.37 5.41 1.97
CA TYR A 212 -12.98 6.74 2.09
C TYR A 212 -11.91 7.78 1.81
N GLU A 213 -12.31 8.92 1.29
CA GLU A 213 -11.39 10.01 1.12
C GLU A 213 -12.16 11.29 0.86
N MET A 214 -11.63 12.40 1.39
CA MET A 214 -12.11 13.71 1.03
C MET A 214 -11.01 14.47 0.31
N GLY A 215 -11.37 15.11 -0.80
CA GLY A 215 -10.41 15.88 -1.58
C GLY A 215 -10.11 15.27 -2.93
N ILE A 216 -10.69 14.10 -3.25
CA ILE A 216 -10.52 13.51 -4.57
C ILE A 216 -11.34 14.30 -5.60
N HIS A 217 -11.23 13.92 -6.87
CA HIS A 217 -11.95 14.59 -7.94
C HIS A 217 -12.76 13.57 -8.73
N CYS A 218 -13.63 14.04 -9.64
CA CYS A 218 -14.45 13.11 -10.39
C CYS A 218 -13.61 12.09 -11.15
N TRP A 219 -12.45 12.49 -11.66
CA TRP A 219 -11.64 11.56 -12.45
C TRP A 219 -10.94 10.50 -11.61
N ASP A 220 -10.84 10.72 -10.30
CA ASP A 220 -10.24 9.72 -9.40
C ASP A 220 -11.19 8.55 -9.21
N VAL A 221 -12.49 8.84 -9.25
CA VAL A 221 -13.47 7.86 -8.80
C VAL A 221 -14.45 7.38 -9.89
N ALA A 222 -14.43 8.03 -11.05
CA ALA A 222 -15.41 7.72 -12.10
C ALA A 222 -15.20 6.32 -12.67
N GLY A 223 -13.94 5.89 -12.79
CA GLY A 223 -13.68 4.54 -13.28
C GLY A 223 -13.96 3.48 -12.24
N ALA A 224 -13.46 3.69 -11.02
CA ALA A 224 -13.48 2.62 -10.02
C ALA A 224 -14.81 2.47 -9.27
N GLY A 225 -15.62 3.52 -9.25
CA GLY A 225 -16.90 3.47 -8.55
C GLY A 225 -17.79 2.33 -9.01
N ILE A 226 -17.99 2.23 -10.33
CA ILE A 226 -18.86 1.21 -10.89
C ILE A 226 -18.21 -0.17 -10.74
N ILE A 227 -16.89 -0.23 -10.64
CA ILE A 227 -16.20 -1.51 -10.39
C ILE A 227 -16.57 -1.99 -8.99
N VAL A 228 -16.59 -1.07 -8.02
CA VAL A 228 -17.02 -1.43 -6.67
C VAL A 228 -18.49 -1.87 -6.65
N THR A 229 -19.37 -1.12 -7.31
CA THR A 229 -20.79 -1.45 -7.19
C THR A 229 -21.12 -2.73 -7.97
N GLU A 230 -20.46 -2.98 -9.09
CA GLU A 230 -20.71 -4.21 -9.86
C GLU A 230 -20.10 -5.43 -9.16
N ALA A 231 -19.16 -5.19 -8.25
CA ALA A 231 -18.67 -6.22 -7.35
C ALA A 231 -19.61 -6.45 -6.16
N GLY A 232 -20.67 -5.65 -6.09
CA GLY A 232 -21.67 -5.83 -5.03
C GLY A 232 -21.56 -4.80 -3.91
N GLY A 233 -20.67 -3.84 -4.09
CA GLY A 233 -20.45 -2.79 -3.11
C GLY A 233 -21.40 -1.60 -3.21
N VAL A 234 -21.13 -0.57 -2.42
CA VAL A 234 -21.95 0.62 -2.41
C VAL A 234 -21.07 1.86 -2.43
N LEU A 235 -21.61 2.94 -3.00
CA LEU A 235 -20.97 4.25 -2.93
C LEU A 235 -21.87 5.20 -2.16
N MET A 236 -21.26 6.08 -1.39
CA MET A 236 -22.04 7.16 -0.78
C MET A 236 -21.12 8.29 -0.41
N ASP A 237 -21.71 9.40 0.02
CA ASP A 237 -20.92 10.55 0.44
C ASP A 237 -20.46 10.32 1.88
N VAL A 238 -19.39 10.98 2.31
CA VAL A 238 -18.95 10.84 3.71
C VAL A 238 -19.93 11.51 4.65
N THR A 239 -20.83 12.31 4.08
CA THR A 239 -21.92 12.95 4.82
C THR A 239 -23.04 11.96 5.11
N GLY A 240 -22.95 10.78 4.51
CA GLY A 240 -24.03 9.81 4.57
C GLY A 240 -25.05 9.96 3.43
N GLY A 241 -24.95 11.06 2.70
CA GLY A 241 -25.82 11.32 1.57
C GLY A 241 -25.43 10.53 0.32
N PRO A 242 -26.18 10.74 -0.78
CA PRO A 242 -25.93 9.98 -2.01
C PRO A 242 -24.56 10.30 -2.59
N PHE A 243 -23.92 9.30 -3.18
CA PHE A 243 -22.67 9.55 -3.86
C PHE A 243 -22.85 10.56 -4.99
N ASP A 244 -21.88 11.46 -5.10
CA ASP A 244 -21.92 12.55 -6.07
C ASP A 244 -20.54 12.69 -6.66
N LEU A 245 -20.44 12.35 -7.95
CA LEU A 245 -19.19 12.36 -8.69
C LEU A 245 -18.40 13.66 -8.56
N MET A 246 -19.11 14.78 -8.36
CA MET A 246 -18.49 16.09 -8.38
C MET A 246 -18.21 16.67 -6.99
N SER A 247 -18.59 15.95 -5.93
CA SER A 247 -18.59 16.49 -4.56
C SER A 247 -17.26 16.46 -3.82
N ARG A 248 -16.25 15.83 -4.44
CA ARG A 248 -14.89 15.71 -3.86
C ARG A 248 -14.83 14.73 -2.69
N ARG A 249 -15.89 13.96 -2.47
CA ARG A 249 -15.98 13.13 -1.27
C ARG A 249 -16.50 11.74 -1.64
N VAL A 250 -15.99 10.70 -0.99
CA VAL A 250 -16.44 9.35 -1.32
C VAL A 250 -16.21 8.36 -0.18
N ILE A 251 -17.22 7.52 0.03
CA ILE A 251 -17.04 6.23 0.71
C ILE A 251 -17.38 5.16 -0.32
N ALA A 252 -16.46 4.22 -0.55
CA ALA A 252 -16.74 3.08 -1.39
C ALA A 252 -16.54 1.85 -0.51
N ALA A 253 -17.62 1.11 -0.24
CA ALA A 253 -17.58 0.04 0.76
C ALA A 253 -18.25 -1.23 0.27
N ASN A 254 -17.94 -2.33 0.96
CA ASN A 254 -18.58 -3.59 0.63
C ASN A 254 -20.10 -3.50 0.81
N ASN A 255 -20.54 -2.78 1.84
CA ASN A 255 -21.97 -2.70 2.12
C ASN A 255 -22.35 -1.43 2.88
N ARG A 256 -23.65 -1.18 2.95
CA ARG A 256 -24.17 0.05 3.56
C ARG A 256 -23.95 0.08 5.07
N ILE A 257 -23.82 -1.08 5.70
CA ILE A 257 -23.57 -1.08 7.15
C ILE A 257 -22.19 -0.51 7.49
N LEU A 258 -21.14 -0.98 6.83
CA LEU A 258 -19.83 -0.38 7.09
C LEU A 258 -19.81 1.06 6.62
N ALA A 259 -20.44 1.34 5.47
CA ALA A 259 -20.37 2.67 4.88
C ALA A 259 -20.95 3.68 5.83
N GLU A 260 -22.12 3.37 6.40
CA GLU A 260 -22.77 4.32 7.30
C GLU A 260 -22.02 4.48 8.63
N ARG A 261 -21.36 3.42 9.07
N ARG A 261 -21.37 3.43 9.09
CA ARG A 261 -20.59 3.48 10.32
CA ARG A 261 -20.60 3.52 10.32
C ARG A 261 -19.37 4.38 10.13
C ARG A 261 -19.40 4.44 10.11
N ILE A 262 -18.79 4.36 8.93
CA ILE A 262 -17.65 5.19 8.63
C ILE A 262 -18.04 6.66 8.53
N ALA A 263 -19.17 6.91 7.88
CA ALA A 263 -19.68 8.26 7.71
C ALA A 263 -19.94 8.92 9.05
N LYS A 264 -20.41 8.12 9.99
CA LYS A 264 -20.71 8.59 11.32
C LYS A 264 -19.45 9.17 11.97
N GLU A 265 -18.31 8.53 11.73
CA GLU A 265 -17.05 9.00 12.32
C GLU A 265 -16.38 10.17 11.60
N ILE A 266 -16.69 10.39 10.33
CA ILE A 266 -15.91 11.36 9.56
C ILE A 266 -16.39 12.81 9.71
N GLN A 267 -15.51 13.66 10.23
CA GLN A 267 -15.79 15.08 10.22
C GLN A 267 -15.46 15.61 8.83
N VAL A 268 -16.43 16.30 8.22
CA VAL A 268 -16.28 16.77 6.85
C VAL A 268 -15.44 18.04 6.78
N ILE A 269 -14.63 18.10 5.73
CA ILE A 269 -13.80 19.24 5.40
C ILE A 269 -14.46 20.02 4.25
N PRO A 270 -14.43 21.36 4.29
CA PRO A 270 -15.03 22.13 3.18
C PRO A 270 -14.19 22.01 1.91
N LEU A 271 -14.85 21.80 0.77
CA LEU A 271 -14.14 21.54 -0.49
C LEU A 271 -14.86 22.16 -1.66
N GLN A 272 -14.11 22.73 -2.60
CA GLN A 272 -14.69 23.26 -3.83
C GLN A 272 -15.14 22.13 -4.76
N ARG A 273 -16.42 22.11 -5.13
CA ARG A 273 -16.93 21.06 -6.00
C ARG A 273 -16.29 21.13 -7.38
N ASP A 274 -16.27 20.00 -8.08
CA ASP A 274 -15.66 19.98 -9.40
C ASP A 274 -16.51 20.72 -10.43
N ASP A 275 -17.80 20.88 -10.11
CA ASP A 275 -18.73 21.47 -11.07
C ASP A 275 -19.05 22.93 -10.73
N GLU A 276 -18.13 23.58 -10.04
CA GLU A 276 -18.36 24.97 -9.62
C GLU A 276 -17.06 25.77 -9.66
N ASP A 277 -17.20 27.10 -9.70
CA ASP A 277 -16.05 28.01 -9.75
C ASP A 277 -15.69 28.53 -8.37
N ASP B 3 31.27 -18.91 1.31
CA ASP B 3 30.85 -18.80 2.70
C ASP B 3 30.31 -20.13 3.22
N PRO B 4 30.54 -20.40 4.52
CA PRO B 4 29.91 -21.56 5.17
C PRO B 4 28.44 -21.27 5.46
N TRP B 5 28.10 -19.98 5.49
CA TRP B 5 26.72 -19.57 5.72
C TRP B 5 25.93 -19.56 4.42
N GLN B 6 26.62 -19.64 3.29
CA GLN B 6 25.96 -19.62 1.99
C GLN B 6 25.04 -20.82 1.84
N GLU B 7 25.44 -21.96 2.40
CA GLU B 7 24.58 -23.15 2.37
C GLU B 7 23.32 -22.90 3.18
N CYS B 8 23.48 -22.24 4.33
CA CYS B 8 22.32 -21.93 5.17
C CYS B 8 21.35 -21.02 4.41
N MET B 9 21.91 -20.02 3.73
CA MET B 9 21.09 -19.07 2.98
C MET B 9 20.34 -19.77 1.85
N ASP B 10 21.05 -20.56 1.06
CA ASP B 10 20.41 -21.32 -0.01
C ASP B 10 19.24 -22.13 0.52
N TYR B 11 19.47 -22.81 1.64
CA TYR B 11 18.43 -23.58 2.29
C TYR B 11 17.27 -22.68 2.74
N ALA B 12 17.61 -21.51 3.27
CA ALA B 12 16.60 -20.55 3.74
C ALA B 12 15.68 -20.11 2.61
N VAL B 13 16.27 -19.84 1.45
CA VAL B 13 15.51 -19.43 0.28
C VAL B 13 14.54 -20.52 -0.13
N THR B 14 15.00 -21.76 -0.06
CA THR B 14 14.19 -22.93 -0.36
C THR B 14 13.01 -23.04 0.61
N LEU B 15 13.28 -22.91 1.91
CA LEU B 15 12.24 -22.97 2.91
C LEU B 15 11.24 -21.81 2.79
N ALA B 16 11.75 -20.63 2.48
CA ALA B 16 10.87 -19.46 2.35
C ALA B 16 9.87 -19.66 1.21
N ARG B 17 10.34 -20.22 0.10
CA ARG B 17 9.47 -20.39 -1.07
C ARG B 17 8.40 -21.43 -0.76
N GLN B 18 8.84 -22.49 -0.09
CA GLN B 18 7.96 -23.55 0.37
C GLN B 18 6.88 -23.02 1.31
N ALA B 19 7.30 -22.21 2.30
CA ALA B 19 6.36 -21.58 3.21
C ALA B 19 5.41 -20.69 2.44
N GLY B 20 5.97 -19.95 1.49
CA GLY B 20 5.21 -19.05 0.65
C GLY B 20 4.10 -19.76 -0.10
N GLU B 21 4.39 -20.96 -0.60
CA GLU B 21 3.38 -21.73 -1.32
C GLU B 21 2.25 -22.12 -0.38
N VAL B 22 2.59 -22.44 0.86
CA VAL B 22 1.58 -22.81 1.86
C VAL B 22 0.67 -21.62 2.13
N VAL B 23 1.28 -20.44 2.23
CA VAL B 23 0.55 -19.22 2.53
C VAL B 23 -0.36 -18.84 1.38
N CYS B 24 0.17 -18.94 0.16
N CYS B 24 0.17 -18.91 0.16
CA CYS B 24 -0.58 -18.57 -1.03
CA CYS B 24 -0.62 -18.58 -1.03
C CYS B 24 -1.81 -19.47 -1.22
C CYS B 24 -1.85 -19.46 -1.15
N GLU B 25 -1.68 -20.75 -0.86
CA GLU B 25 -2.81 -21.67 -0.93
C GLU B 25 -3.86 -21.34 0.12
N ALA B 26 -3.41 -21.06 1.35
CA ALA B 26 -4.34 -20.85 2.46
C ALA B 26 -5.11 -19.54 2.33
N ILE B 27 -4.52 -18.56 1.67
CA ILE B 27 -5.13 -17.22 1.61
C ILE B 27 -6.42 -17.25 0.79
N LYS B 28 -6.57 -18.24 -0.07
CA LYS B 28 -7.77 -18.41 -0.88
C LYS B 28 -8.88 -19.11 -0.10
N ASN B 29 -8.52 -19.74 1.01
CA ASN B 29 -9.43 -20.60 1.74
C ASN B 29 -10.03 -19.94 2.97
N GLU B 30 -11.08 -20.53 3.51
CA GLU B 30 -11.66 -20.04 4.75
C GLU B 30 -10.63 -20.25 5.87
N MET B 31 -10.73 -19.42 6.89
CA MET B 31 -9.75 -19.44 7.96
C MET B 31 -10.39 -19.39 9.33
N ASN B 32 -9.73 -20.04 10.27
CA ASN B 32 -9.93 -19.81 11.67
C ASN B 32 -9.05 -18.67 12.17
N VAL B 33 -9.66 -17.54 12.48
CA VAL B 33 -8.91 -16.37 12.92
C VAL B 33 -8.98 -16.27 14.43
N MET B 34 -7.82 -16.36 15.07
CA MET B 34 -7.75 -16.32 16.53
C MET B 34 -7.13 -15.02 17.02
N LEU B 35 -7.22 -14.78 18.32
CA LEU B 35 -6.69 -13.55 18.91
C LEU B 35 -5.47 -13.83 19.78
N LYS B 36 -4.51 -12.92 19.74
CA LYS B 36 -3.35 -13.01 20.62
C LYS B 36 -3.49 -12.02 21.76
N SER B 37 -2.87 -10.85 21.66
CA SER B 37 -2.83 -9.91 22.78
C SER B 37 -4.04 -8.99 22.84
N SER B 38 -4.86 -8.98 21.79
CA SER B 38 -5.96 -8.02 21.69
C SER B 38 -6.89 -8.40 20.55
N PRO B 39 -8.05 -7.74 20.46
CA PRO B 39 -8.96 -8.02 19.34
C PRO B 39 -8.41 -7.63 17.97
N VAL B 40 -7.31 -6.91 17.90
CA VAL B 40 -6.75 -6.58 16.58
C VAL B 40 -5.40 -7.25 16.35
N ASP B 41 -4.96 -8.08 17.29
CA ASP B 41 -3.69 -8.77 17.17
C ASP B 41 -3.99 -10.22 16.82
N LEU B 42 -3.91 -10.54 15.52
CA LEU B 42 -4.47 -11.79 14.98
C LEU B 42 -3.45 -12.89 14.75
N VAL B 43 -3.94 -14.12 14.72
CA VAL B 43 -3.11 -15.24 14.33
C VAL B 43 -4.02 -16.32 13.74
N THR B 44 -3.51 -17.05 12.77
CA THR B 44 -4.26 -18.15 12.17
C THR B 44 -3.46 -19.43 12.31
N ALA B 45 -4.11 -20.56 12.05
CA ALA B 45 -3.42 -21.83 12.06
C ALA B 45 -2.27 -21.82 11.06
N THR B 46 -2.38 -21.02 10.00
CA THR B 46 -1.31 -21.02 9.02
C THR B 46 -0.03 -20.38 9.57
N ASP B 47 -0.16 -19.29 10.35
CA ASP B 47 1.01 -18.66 10.97
C ASP B 47 1.81 -19.72 11.75
N GLN B 48 1.08 -20.46 12.57
CA GLN B 48 1.65 -21.44 13.49
C GLN B 48 2.23 -22.64 12.75
N LYS B 49 1.48 -23.13 11.75
CA LYS B 49 1.93 -24.28 10.97
C LYS B 49 3.19 -23.96 10.18
N VAL B 50 3.22 -22.79 9.55
CA VAL B 50 4.40 -22.39 8.79
C VAL B 50 5.62 -22.26 9.71
N GLU B 51 5.43 -21.67 10.89
CA GLU B 51 6.57 -21.50 11.79
C GLU B 51 7.11 -22.86 12.26
N LYS B 52 6.20 -23.73 12.68
CA LYS B 52 6.56 -25.10 13.06
C LYS B 52 7.33 -25.83 11.97
N MET B 53 6.86 -25.70 10.73
CA MET B 53 7.55 -26.33 9.59
C MET B 53 8.94 -25.74 9.40
N LEU B 54 9.07 -24.43 9.51
CA LEU B 54 10.35 -23.79 9.27
C LEU B 54 11.35 -24.18 10.34
N ILE B 55 10.92 -24.14 11.59
CA ILE B 55 11.83 -24.41 12.70
C ILE B 55 12.29 -25.87 12.68
N SER B 56 11.35 -26.79 12.50
CA SER B 56 11.69 -28.21 12.48
C SER B 56 12.62 -28.56 11.31
N SER B 57 12.38 -27.95 10.14
CA SER B 57 13.25 -28.15 8.99
C SER B 57 14.67 -27.67 9.29
N ILE B 58 14.78 -26.45 9.82
CA ILE B 58 16.08 -25.88 10.11
C ILE B 58 16.78 -26.69 11.20
N LYS B 59 16.01 -27.13 12.20
CA LYS B 59 16.52 -27.93 13.31
C LYS B 59 17.15 -29.24 12.84
N GLU B 60 16.45 -29.94 11.95
CA GLU B 60 16.94 -31.21 11.43
C GLU B 60 18.26 -31.03 10.68
N LYS B 61 18.43 -29.89 10.04
CA LYS B 61 19.61 -29.65 9.21
C LYS B 61 20.74 -28.95 9.98
N TYR B 62 20.38 -28.17 11.00
CA TYR B 62 21.36 -27.46 11.81
C TYR B 62 20.99 -27.48 13.29
N PRO B 63 21.08 -28.66 13.93
CA PRO B 63 20.54 -28.88 15.28
C PRO B 63 21.17 -28.04 16.39
N SER B 64 22.32 -27.41 16.13
CA SER B 64 22.98 -26.62 17.15
C SER B 64 22.58 -25.14 17.07
N HIS B 65 21.74 -24.81 16.10
CA HIS B 65 21.38 -23.41 15.89
C HIS B 65 20.24 -23.00 16.83
N SER B 66 20.12 -21.69 17.04
CA SER B 66 19.07 -21.12 17.89
C SER B 66 17.96 -20.51 17.03
N PHE B 67 16.83 -20.23 17.66
CA PHE B 67 15.67 -19.70 16.97
C PHE B 67 15.00 -18.59 17.74
N ILE B 68 14.57 -17.56 17.02
CA ILE B 68 13.65 -16.60 17.56
C ILE B 68 12.48 -16.49 16.58
N GLY B 69 11.32 -17.01 16.95
CA GLY B 69 10.19 -17.01 16.05
C GLY B 69 8.99 -16.35 16.70
N GLU B 70 8.25 -15.54 15.93
CA GLU B 70 7.09 -14.85 16.50
C GLU B 70 6.12 -15.74 17.26
N GLU B 71 5.64 -16.81 16.63
CA GLU B 71 4.59 -17.56 17.30
C GLU B 71 5.17 -18.45 18.41
N SER B 72 6.46 -18.74 18.31
CA SER B 72 7.13 -19.52 19.37
C SER B 72 7.24 -18.67 20.64
N VAL B 73 7.53 -17.39 20.46
CA VAL B 73 7.60 -16.44 21.59
C VAL B 73 6.24 -16.32 22.23
N ALA B 74 5.20 -16.26 21.41
CA ALA B 74 3.82 -16.26 21.90
C ALA B 74 3.54 -17.51 22.71
N ALA B 75 4.17 -18.62 22.33
CA ALA B 75 4.00 -19.89 23.05
C ALA B 75 4.88 -19.94 24.30
N GLY B 76 5.68 -18.90 24.52
CA GLY B 76 6.44 -18.78 25.76
C GLY B 76 7.95 -18.76 25.61
N GLU B 77 8.45 -19.12 24.43
CA GLU B 77 9.90 -19.15 24.20
C GLU B 77 10.50 -17.74 24.32
N LYS B 78 11.78 -17.69 24.68
CA LYS B 78 12.44 -16.41 24.94
C LYS B 78 12.96 -15.77 23.66
N SER B 79 12.73 -14.47 23.54
CA SER B 79 13.32 -13.71 22.45
C SER B 79 14.56 -13.01 22.97
N ILE B 80 15.63 -13.79 23.17
CA ILE B 80 16.92 -13.24 23.52
C ILE B 80 17.96 -13.64 22.47
N LEU B 81 18.65 -12.65 21.92
CA LEU B 81 19.60 -12.92 20.85
C LEU B 81 21.00 -13.14 21.42
N THR B 82 21.54 -14.33 21.21
CA THR B 82 22.91 -14.63 21.65
C THR B 82 23.86 -14.59 20.47
N ASP B 83 25.13 -14.91 20.70
CA ASP B 83 26.12 -14.94 19.64
C ASP B 83 25.95 -16.17 18.75
N ASN B 84 25.19 -17.16 19.23
CA ASN B 84 24.99 -18.39 18.49
C ASN B 84 24.26 -18.12 17.17
N PRO B 85 24.57 -18.89 16.11
CA PRO B 85 23.80 -18.77 14.87
C PRO B 85 22.31 -18.86 15.13
N THR B 86 21.57 -17.81 14.79
CA THR B 86 20.17 -17.73 15.20
C THR B 86 19.27 -17.42 14.00
N TRP B 87 18.22 -18.21 13.85
CA TRP B 87 17.23 -17.95 12.80
C TRP B 87 16.09 -17.13 13.38
N ILE B 88 15.88 -15.93 12.83
CA ILE B 88 14.85 -15.03 13.34
C ILE B 88 13.72 -15.01 12.33
N ILE B 89 12.57 -15.54 12.73
CA ILE B 89 11.55 -15.91 11.78
C ILE B 89 10.20 -15.24 12.03
N ASP B 90 9.66 -14.61 10.98
CA ASP B 90 8.26 -14.21 10.99
C ASP B 90 7.55 -15.04 9.93
N PRO B 91 6.76 -16.04 10.36
CA PRO B 91 6.18 -17.02 9.43
C PRO B 91 5.21 -16.36 8.46
N ILE B 92 4.43 -15.41 8.97
CA ILE B 92 3.59 -14.57 8.13
C ILE B 92 3.70 -13.15 8.67
N ASP B 93 4.46 -12.30 7.98
CA ASP B 93 4.43 -10.88 8.31
C ASP B 93 3.32 -10.26 7.48
N GLY B 94 2.30 -9.72 8.12
CA GLY B 94 1.14 -9.37 7.36
C GLY B 94 -0.08 -10.22 7.65
N THR B 95 -0.24 -10.69 8.89
CA THR B 95 -1.38 -11.57 9.21
C THR B 95 -2.72 -10.89 9.01
N THR B 96 -2.86 -9.63 9.41
CA THR B 96 -4.11 -8.95 9.19
C THR B 96 -4.41 -8.86 7.67
N ASN B 97 -3.39 -8.52 6.90
CA ASN B 97 -3.52 -8.59 5.43
C ASN B 97 -3.97 -9.97 4.97
N PHE B 98 -3.30 -10.99 5.50
CA PHE B 98 -3.59 -12.39 5.13
C PHE B 98 -5.06 -12.74 5.36
N VAL B 99 -5.56 -12.39 6.54
CA VAL B 99 -6.93 -12.63 6.93
C VAL B 99 -7.92 -11.96 5.98
N HIS B 100 -7.53 -10.78 5.48
CA HIS B 100 -8.39 -10.00 4.60
C HIS B 100 -8.18 -10.27 3.11
N ARG B 101 -7.13 -11.03 2.80
CA ARG B 101 -6.66 -11.24 1.42
C ARG B 101 -6.23 -9.92 0.78
N PHE B 102 -5.74 -9.01 1.63
CA PHE B 102 -5.03 -7.82 1.16
C PHE B 102 -3.66 -8.29 0.65
N PRO B 103 -3.33 -7.97 -0.60
CA PRO B 103 -2.33 -8.76 -1.33
C PRO B 103 -0.85 -8.49 -1.01
N PHE B 104 -0.52 -8.24 0.26
CA PHE B 104 0.88 -8.09 0.67
C PHE B 104 1.11 -8.93 1.91
N VAL B 105 1.76 -10.05 1.73
CA VAL B 105 1.99 -11.01 2.81
C VAL B 105 3.40 -11.56 2.62
N ALA B 106 4.18 -11.63 3.69
CA ALA B 106 5.58 -12.03 3.50
C ALA B 106 6.02 -13.10 4.49
N VAL B 107 6.88 -14.00 4.04
CA VAL B 107 7.61 -14.86 4.96
C VAL B 107 8.99 -14.26 5.16
N SER B 108 9.42 -14.08 6.40
CA SER B 108 10.69 -13.43 6.67
C SER B 108 11.62 -14.32 7.48
N ILE B 109 12.84 -14.45 7.00
CA ILE B 109 13.88 -15.19 7.72
C ILE B 109 15.16 -14.36 7.77
N GLY B 110 15.61 -14.03 8.98
CA GLY B 110 16.88 -13.36 9.16
C GLY B 110 17.81 -14.31 9.89
N PHE B 111 19.10 -14.19 9.63
CA PHE B 111 20.09 -15.12 10.16
C PHE B 111 21.24 -14.35 10.78
N ALA B 112 21.38 -14.47 12.10
CA ALA B 112 22.36 -13.69 12.83
C ALA B 112 23.48 -14.59 13.38
N VAL B 113 24.69 -14.09 13.28
CA VAL B 113 25.86 -14.71 13.91
C VAL B 113 26.55 -13.61 14.70
N ASN B 114 26.87 -13.89 15.96
CA ASN B 114 27.41 -12.87 16.86
C ASN B 114 26.53 -11.63 16.91
N LYS B 115 25.22 -11.86 16.96
CA LYS B 115 24.21 -10.80 17.05
C LYS B 115 24.21 -9.86 15.84
N LYS B 116 24.85 -10.28 14.76
CA LYS B 116 24.87 -9.49 13.52
C LYS B 116 24.26 -10.28 12.39
N ILE B 117 23.34 -9.66 11.65
CA ILE B 117 22.65 -10.35 10.55
C ILE B 117 23.60 -10.63 9.38
N GLU B 118 23.69 -11.89 8.99
CA GLU B 118 24.56 -12.32 7.89
C GLU B 118 23.82 -12.42 6.58
N PHE B 119 22.57 -12.87 6.63
CA PHE B 119 21.74 -12.83 5.44
C PHE B 119 20.26 -12.66 5.81
N GLY B 120 19.48 -12.22 4.84
CA GLY B 120 18.05 -12.07 5.03
C GLY B 120 17.30 -12.56 3.82
N VAL B 121 16.14 -13.17 4.06
CA VAL B 121 15.25 -13.64 3.01
C VAL B 121 13.84 -13.15 3.31
N VAL B 122 13.26 -12.40 2.40
CA VAL B 122 11.86 -12.01 2.52
C VAL B 122 11.08 -12.42 1.28
N TYR B 123 10.14 -13.34 1.44
CA TYR B 123 9.34 -13.78 0.31
C TYR B 123 7.94 -13.16 0.33
N SER B 124 7.69 -12.24 -0.58
CA SER B 124 6.36 -11.65 -0.69
C SER B 124 5.49 -12.64 -1.49
N CYS B 125 4.69 -13.42 -0.76
N CYS B 125 4.67 -13.40 -0.76
CA CYS B 125 3.97 -14.56 -1.32
CA CYS B 125 3.92 -14.56 -1.29
C CYS B 125 3.06 -14.23 -2.50
C CYS B 125 3.03 -14.26 -2.47
N VAL B 126 2.13 -13.31 -2.29
CA VAL B 126 1.10 -13.04 -3.27
C VAL B 126 1.71 -12.46 -4.54
N GLU B 127 2.70 -11.58 -4.37
CA GLU B 127 3.43 -10.96 -5.49
C GLU B 127 4.33 -11.92 -6.24
N GLY B 128 4.81 -12.95 -5.55
CA GLY B 128 5.83 -13.83 -6.10
C GLY B 128 7.16 -13.09 -6.24
N LYS B 129 7.55 -12.40 -5.17
CA LYS B 129 8.81 -11.65 -5.18
C LYS B 129 9.69 -12.14 -4.05
N MET B 130 10.81 -12.76 -4.41
CA MET B 130 11.78 -13.26 -3.45
C MET B 130 12.91 -12.25 -3.27
N TYR B 131 12.92 -11.60 -2.11
CA TYR B 131 13.98 -10.66 -1.77
C TYR B 131 15.04 -11.35 -0.94
N THR B 132 16.30 -11.14 -1.32
CA THR B 132 17.41 -11.81 -0.65
C THR B 132 18.61 -10.89 -0.57
N ALA B 133 19.44 -11.12 0.43
CA ALA B 133 20.70 -10.40 0.57
C ALA B 133 21.63 -11.13 1.52
N ARG B 134 22.89 -11.23 1.12
CA ARG B 134 23.94 -11.78 1.97
C ARG B 134 24.93 -10.65 2.21
N LYS B 135 25.41 -10.50 3.44
CA LYS B 135 26.30 -9.41 3.78
C LYS B 135 27.47 -9.38 2.80
N GLY B 136 27.70 -8.22 2.20
CA GLY B 136 28.78 -8.05 1.25
C GLY B 136 28.49 -8.47 -0.18
N LYS B 137 27.36 -9.14 -0.40
CA LYS B 137 27.05 -9.72 -1.71
C LYS B 137 25.93 -9.02 -2.47
N GLY B 138 25.36 -7.97 -1.89
CA GLY B 138 24.30 -7.22 -2.55
C GLY B 138 22.89 -7.73 -2.27
N ALA B 139 21.90 -6.94 -2.67
CA ALA B 139 20.49 -7.31 -2.48
C ALA B 139 19.81 -7.55 -3.82
N PHE B 140 18.91 -8.53 -3.85
CA PHE B 140 18.26 -8.93 -5.08
C PHE B 140 16.77 -9.14 -4.90
N CYS B 141 16.00 -8.87 -5.96
CA CYS B 141 14.61 -9.29 -6.04
C CYS B 141 14.45 -10.12 -7.30
N ASN B 142 14.14 -11.39 -7.12
CA ASN B 142 14.00 -12.34 -8.22
C ASN B 142 15.16 -12.23 -9.22
N GLY B 143 16.38 -12.24 -8.70
CA GLY B 143 17.55 -12.25 -9.57
C GLY B 143 18.09 -10.89 -9.98
N GLN B 144 17.28 -9.84 -9.79
CA GLN B 144 17.69 -8.49 -10.17
C GLN B 144 18.27 -7.71 -9.00
N LYS B 145 19.44 -7.12 -9.22
CA LYS B 145 20.13 -6.40 -8.16
C LYS B 145 19.35 -5.14 -7.78
N LEU B 146 19.22 -4.90 -6.47
CA LEU B 146 18.46 -3.76 -5.99
C LEU B 146 19.35 -2.59 -5.64
N GLN B 147 18.78 -1.40 -5.72
CA GLN B 147 19.48 -0.19 -5.39
C GLN B 147 18.48 0.81 -4.82
N VAL B 148 18.77 1.34 -3.64
CA VAL B 148 17.93 2.38 -3.06
C VAL B 148 17.95 3.64 -3.89
N SER B 149 17.00 4.54 -3.65
CA SER B 149 16.94 5.79 -4.40
C SER B 149 18.05 6.76 -3.99
N GLN B 150 18.23 7.83 -4.77
CA GLN B 150 19.28 8.80 -4.49
C GLN B 150 18.79 9.99 -3.68
N GLN B 151 17.48 10.05 -3.42
CA GLN B 151 16.87 11.27 -2.89
C GLN B 151 17.44 11.73 -1.54
N GLU B 152 17.95 12.95 -1.49
CA GLU B 152 18.48 13.50 -0.23
C GLU B 152 17.65 14.67 0.28
N ASP B 153 16.64 15.05 -0.50
CA ASP B 153 15.77 16.16 -0.13
C ASP B 153 14.49 15.56 0.49
N ILE B 154 14.34 15.72 1.81
CA ILE B 154 13.20 15.15 2.52
C ILE B 154 11.88 15.66 1.94
N THR B 155 11.88 16.85 1.36
CA THR B 155 10.62 17.42 0.86
C THR B 155 10.22 16.81 -0.47
N LYS B 156 11.06 15.92 -0.99
CA LYS B 156 10.81 15.22 -2.25
C LYS B 156 10.83 13.71 -2.04
N SER B 157 10.60 13.29 -0.78
CA SER B 157 10.68 11.87 -0.43
C SER B 157 9.31 11.23 -0.20
N LEU B 158 9.29 9.92 -0.38
CA LEU B 158 8.08 9.12 -0.16
C LEU B 158 8.38 8.14 0.96
N LEU B 159 7.59 8.21 2.04
CA LEU B 159 7.84 7.39 3.22
C LEU B 159 6.86 6.23 3.30
N VAL B 160 7.29 5.15 3.96
CA VAL B 160 6.36 4.08 4.32
C VAL B 160 6.41 3.88 5.84
N THR B 161 5.27 3.49 6.40
CA THR B 161 5.16 3.24 7.84
C THR B 161 3.88 2.45 8.08
N GLU B 162 3.67 2.01 9.32
CA GLU B 162 2.41 1.36 9.71
C GLU B 162 1.89 1.98 10.99
N LEU B 163 0.59 1.87 11.24
CA LEU B 163 -0.02 2.51 12.40
C LEU B 163 0.18 1.74 13.70
N GLY B 164 0.47 0.45 13.60
CA GLY B 164 0.77 -0.38 14.76
C GLY B 164 -0.41 -1.17 15.31
N SER B 165 -0.13 -2.04 16.28
CA SER B 165 -1.16 -2.90 16.82
C SER B 165 -1.85 -2.31 18.05
N SER B 166 -1.27 -1.29 18.66
CA SER B 166 -1.93 -0.68 19.81
C SER B 166 -3.16 0.12 19.42
N ARG B 167 -4.16 0.13 20.29
CA ARG B 167 -5.31 1.01 20.09
C ARG B 167 -5.48 1.88 21.33
N THR B 168 -4.45 1.90 22.17
CA THR B 168 -4.43 2.79 23.33
C THR B 168 -4.39 4.22 22.82
N PRO B 169 -5.40 5.02 23.19
CA PRO B 169 -5.58 6.39 22.65
C PRO B 169 -4.31 7.24 22.71
N GLU B 170 -3.62 7.22 23.85
CA GLU B 170 -2.41 8.01 24.01
C GLU B 170 -1.34 7.59 23.02
N THR B 171 -1.19 6.29 22.84
CA THR B 171 -0.19 5.75 21.93
C THR B 171 -0.54 6.09 20.48
N VAL B 172 -1.80 5.88 20.11
CA VAL B 172 -2.25 6.19 18.74
C VAL B 172 -2.03 7.66 18.44
N ARG B 173 -2.34 8.51 19.41
CA ARG B 173 -2.11 9.94 19.25
C ARG B 173 -0.65 10.27 18.93
N MET B 174 0.28 9.57 19.58
CA MET B 174 1.70 9.80 19.33
C MET B 174 2.09 9.32 17.93
N VAL B 175 1.59 8.15 17.54
CA VAL B 175 1.85 7.62 16.22
C VAL B 175 1.38 8.62 15.15
N LEU B 176 0.17 9.11 15.33
CA LEU B 176 -0.39 10.05 14.36
C LEU B 176 0.30 11.40 14.42
N SER B 177 0.73 11.82 15.63
CA SER B 177 1.46 13.08 15.77
C SER B 177 2.78 13.04 15.01
N ASN B 178 3.50 11.93 15.12
CA ASN B 178 4.73 11.71 14.39
C ASN B 178 4.47 11.75 12.88
N MET B 179 3.39 11.11 12.46
CA MET B 179 3.04 11.12 11.04
C MET B 179 2.76 12.55 10.59
N GLU B 180 2.03 13.30 11.41
CA GLU B 180 1.71 14.69 11.11
C GLU B 180 2.96 15.54 10.89
N LYS B 181 3.92 15.40 11.80
CA LYS B 181 5.14 16.20 11.71
C LYS B 181 5.92 15.93 10.45
N LEU B 182 6.01 14.66 10.07
CA LEU B 182 6.70 14.28 8.84
C LEU B 182 5.94 14.75 7.62
N PHE B 183 4.63 14.51 7.65
CA PHE B 183 3.76 14.87 6.56
C PHE B 183 3.87 16.37 6.24
N CYS B 184 3.95 17.18 7.29
CA CYS B 184 3.91 18.63 7.13
C CYS B 184 5.28 19.29 6.97
N ILE B 185 6.34 18.50 6.83
CA ILE B 185 7.66 19.05 6.55
C ILE B 185 7.69 19.97 5.30
N PRO B 186 7.07 19.55 4.19
CA PRO B 186 6.31 18.35 3.86
C PRO B 186 7.16 17.24 3.30
N VAL B 187 6.62 16.03 3.24
CA VAL B 187 7.13 14.99 2.37
C VAL B 187 6.10 14.82 1.24
N HIS B 188 6.50 14.15 0.17
CA HIS B 188 5.60 13.88 -0.95
C HIS B 188 4.42 13.01 -0.55
N GLY B 189 4.64 12.10 0.39
CA GLY B 189 3.55 11.25 0.83
C GLY B 189 4.01 10.17 1.78
N ILE B 190 3.03 9.47 2.35
CA ILE B 190 3.28 8.33 3.22
C ILE B 190 2.41 7.20 2.72
N ARG B 191 2.97 5.99 2.72
CA ARG B 191 2.25 4.82 2.25
C ARG B 191 2.27 3.73 3.32
N SER B 192 1.32 2.81 3.27
CA SER B 192 1.25 1.68 4.19
C SER B 192 0.67 0.48 3.48
N VAL B 193 1.48 -0.55 3.22
CA VAL B 193 0.94 -1.73 2.55
C VAL B 193 0.57 -2.84 3.56
N GLY B 194 0.96 -2.65 4.82
CA GLY B 194 0.48 -3.52 5.89
C GLY B 194 1.46 -4.56 6.39
N THR B 195 2.71 -4.44 5.97
CA THR B 195 3.77 -5.33 6.44
C THR B 195 5.13 -4.63 6.45
N ALA B 196 5.79 -4.69 7.61
CA ALA B 196 7.08 -4.06 7.81
C ALA B 196 8.11 -4.60 6.85
N ALA B 197 8.12 -5.92 6.69
CA ALA B 197 9.10 -6.54 5.81
C ALA B 197 8.93 -6.06 4.37
N VAL B 198 7.70 -6.05 3.88
CA VAL B 198 7.49 -5.60 2.49
C VAL B 198 7.74 -4.09 2.37
N ASN B 199 7.29 -3.30 3.35
CA ASN B 199 7.65 -1.87 3.36
C ASN B 199 9.15 -1.65 3.22
N MET B 200 9.94 -2.39 3.98
CA MET B 200 11.40 -2.27 3.90
C MET B 200 11.95 -2.73 2.56
N CYS B 201 11.39 -3.82 2.02
CA CYS B 201 11.82 -4.26 0.71
C CYS B 201 11.49 -3.22 -0.37
N LEU B 202 10.42 -2.46 -0.18
CA LEU B 202 10.13 -1.38 -1.15
C LEU B 202 11.19 -0.27 -1.07
N VAL B 203 11.68 0.02 0.14
CA VAL B 203 12.79 0.96 0.26
C VAL B 203 14.04 0.40 -0.43
N ALA B 204 14.31 -0.89 -0.25
CA ALA B 204 15.44 -1.54 -0.93
C ALA B 204 15.39 -1.33 -2.45
N THR B 205 14.19 -1.40 -3.02
CA THR B 205 14.03 -1.28 -4.47
C THR B 205 14.18 0.16 -4.95
N GLY B 206 13.96 1.11 -4.04
CA GLY B 206 13.98 2.51 -4.41
C GLY B 206 12.59 3.06 -4.69
N GLY B 207 11.58 2.19 -4.62
CA GLY B 207 10.19 2.60 -4.79
C GLY B 207 9.67 3.50 -3.67
N ALA B 208 10.25 3.37 -2.49
CA ALA B 208 10.04 4.31 -1.39
C ALA B 208 11.41 4.78 -0.90
N ASP B 209 11.48 5.95 -0.27
CA ASP B 209 12.79 6.47 0.12
C ASP B 209 13.17 6.09 1.55
N ALA B 210 12.18 5.87 2.40
CA ALA B 210 12.46 5.51 3.79
C ALA B 210 11.26 4.92 4.48
N TYR B 211 11.57 4.08 5.45
CA TYR B 211 10.61 3.42 6.32
C TYR B 211 10.94 3.75 7.76
N TYR B 212 9.93 3.92 8.60
CA TYR B 212 10.17 4.04 10.04
C TYR B 212 8.99 3.39 10.75
N GLU B 213 9.25 2.84 11.94
CA GLU B 213 8.16 2.35 12.79
C GLU B 213 8.67 2.09 14.19
N MET B 214 7.79 2.33 15.16
CA MET B 214 8.06 1.92 16.53
C MET B 214 6.98 0.94 16.93
N GLY B 215 7.39 -0.21 17.46
CA GLY B 215 6.42 -1.22 17.85
C GLY B 215 6.63 -2.53 17.13
N ILE B 216 7.49 -2.53 16.11
CA ILE B 216 7.84 -3.79 15.46
C ILE B 216 8.67 -4.68 16.39
N HIS B 217 8.90 -5.91 15.96
CA HIS B 217 9.76 -6.85 16.67
C HIS B 217 10.95 -7.27 15.81
N CYS B 218 11.93 -7.92 16.44
CA CYS B 218 13.14 -8.32 15.72
C CYS B 218 12.80 -9.17 14.48
N TRP B 219 11.77 -10.00 14.59
CA TRP B 219 11.44 -10.87 13.46
C TRP B 219 10.77 -10.11 12.31
N ASP B 220 10.28 -8.91 12.57
CA ASP B 220 9.72 -8.07 11.50
C ASP B 220 10.79 -7.55 10.59
N VAL B 221 11.96 -7.31 11.16
CA VAL B 221 12.95 -6.52 10.45
C VAL B 221 14.26 -7.26 10.23
N ALA B 222 14.41 -8.44 10.83
CA ALA B 222 15.64 -9.23 10.73
C ALA B 222 15.99 -9.59 9.29
N GLY B 223 14.99 -10.03 8.53
CA GLY B 223 15.17 -10.37 7.14
C GLY B 223 15.40 -9.17 6.23
N ALA B 224 14.55 -8.15 6.35
CA ALA B 224 14.58 -7.05 5.39
C ALA B 224 15.68 -6.01 5.64
N GLY B 225 16.13 -5.92 6.90
CA GLY B 225 17.16 -4.94 7.25
C GLY B 225 18.39 -5.01 6.36
N ILE B 226 18.93 -6.22 6.21
CA ILE B 226 20.16 -6.40 5.45
C ILE B 226 19.88 -6.27 3.94
N ILE B 227 18.62 -6.47 3.56
CA ILE B 227 18.23 -6.28 2.16
C ILE B 227 18.30 -4.78 1.83
N VAL B 228 17.80 -3.93 2.73
CA VAL B 228 17.97 -2.49 2.58
C VAL B 228 19.45 -2.08 2.55
N THR B 229 20.24 -2.50 3.52
CA THR B 229 21.62 -2.02 3.60
C THR B 229 22.48 -2.52 2.43
N GLU B 230 22.24 -3.75 1.98
CA GLU B 230 22.96 -4.31 0.83
C GLU B 230 22.48 -3.69 -0.48
N ALA B 231 21.34 -3.01 -0.44
CA ALA B 231 20.89 -2.24 -1.60
C ALA B 231 21.46 -0.83 -1.57
N GLY B 232 22.25 -0.55 -0.54
CA GLY B 232 22.91 0.74 -0.42
C GLY B 232 22.32 1.66 0.63
N GLY B 233 21.36 1.16 1.39
CA GLY B 233 20.68 1.99 2.37
C GLY B 233 21.30 1.89 3.76
N VAL B 234 20.61 2.49 4.74
CA VAL B 234 21.08 2.51 6.13
C VAL B 234 19.96 2.08 7.10
N LEU B 235 20.38 1.50 8.22
CA LEU B 235 19.47 1.25 9.34
C LEU B 235 19.88 2.12 10.51
N MET B 236 18.91 2.61 11.25
CA MET B 236 19.19 3.57 12.30
C MET B 236 18.10 3.48 13.36
N ASP B 237 18.45 3.79 14.62
CA ASP B 237 17.43 3.89 15.66
C ASP B 237 16.67 5.20 15.44
N VAL B 238 15.47 5.34 16.01
CA VAL B 238 14.70 6.56 15.78
C VAL B 238 15.33 7.74 16.53
N THR B 239 16.30 7.45 17.39
CA THR B 239 17.07 8.49 18.06
C THR B 239 18.20 9.04 17.19
N GLY B 240 18.39 8.42 16.03
CA GLY B 240 19.50 8.78 15.16
C GLY B 240 20.73 7.94 15.50
N GLY B 241 20.61 7.18 16.58
CA GLY B 241 21.67 6.29 17.03
C GLY B 241 21.72 5.01 16.23
N PRO B 242 22.65 4.12 16.59
CA PRO B 242 22.80 2.83 15.91
C PRO B 242 21.54 1.98 16.03
N PHE B 243 21.21 1.28 14.94
CA PHE B 243 20.09 0.34 14.93
C PHE B 243 20.28 -0.76 15.97
N ASP B 244 19.20 -1.05 16.69
CA ASP B 244 19.20 -2.05 17.75
C ASP B 244 18.07 -3.03 17.45
N LEU B 245 18.43 -4.22 17.01
CA LEU B 245 17.47 -5.21 16.56
C LEU B 245 16.38 -5.55 17.59
N MET B 246 16.69 -5.42 18.88
CA MET B 246 15.76 -5.85 19.91
C MET B 246 15.00 -4.69 20.55
N SER B 247 15.17 -3.48 20.02
CA SER B 247 14.65 -2.25 20.63
C SER B 247 13.20 -1.86 20.29
N ARG B 248 12.61 -2.56 19.31
CA ARG B 248 11.25 -2.30 18.80
C ARG B 248 11.16 -1.06 17.91
N ARG B 249 12.30 -0.47 17.57
CA ARG B 249 12.31 0.77 16.78
C ARG B 249 13.23 0.65 15.58
N VAL B 250 12.84 1.28 14.47
CA VAL B 250 13.69 1.28 13.29
C VAL B 250 13.40 2.44 12.34
N ILE B 251 14.47 2.98 11.74
CA ILE B 251 14.42 3.75 10.52
C ILE B 251 15.27 3.00 9.51
N ALA B 252 14.68 2.64 8.37
CA ALA B 252 15.41 2.02 7.28
C ALA B 252 15.30 2.93 6.06
N ALA B 253 16.41 3.57 5.68
CA ALA B 253 16.31 4.63 4.68
C ALA B 253 17.30 4.43 3.54
N ASN B 254 17.07 5.14 2.43
CA ASN B 254 18.04 5.11 1.35
C ASN B 254 19.40 5.65 1.79
N ASN B 255 19.38 6.65 2.66
CA ASN B 255 20.64 7.26 3.12
C ASN B 255 20.51 7.94 4.47
N ARG B 256 21.65 8.34 5.02
CA ARG B 256 21.71 8.88 6.37
C ARG B 256 21.12 10.28 6.47
N ILE B 257 21.16 11.04 5.38
CA ILE B 257 20.54 12.36 5.38
C ILE B 257 19.04 12.26 5.63
N LEU B 258 18.34 11.41 4.88
CA LEU B 258 16.90 11.27 5.09
C LEU B 258 16.61 10.64 6.45
N ALA B 259 17.38 9.63 6.80
CA ALA B 259 17.18 8.92 8.06
C ALA B 259 17.30 9.85 9.26
N GLU B 260 18.35 10.67 9.28
CA GLU B 260 18.53 11.58 10.40
C GLU B 260 17.46 12.65 10.45
N ARG B 261 17.01 13.07 9.27
N ARG B 261 17.00 13.10 9.28
CA ARG B 261 15.95 14.08 9.19
CA ARG B 261 15.95 14.10 9.27
C ARG B 261 14.65 13.53 9.78
C ARG B 261 14.65 13.52 9.82
N ILE B 262 14.37 12.26 9.50
CA ILE B 262 13.19 11.60 10.04
C ILE B 262 13.32 11.45 11.56
N ALA B 263 14.47 10.97 12.02
CA ALA B 263 14.72 10.83 13.46
C ALA B 263 14.43 12.14 14.20
N LYS B 264 14.82 13.24 13.60
CA LYS B 264 14.62 14.58 14.18
C LYS B 264 13.15 14.89 14.53
N GLU B 265 12.22 14.40 13.71
CA GLU B 265 10.80 14.73 13.88
C GLU B 265 10.05 13.79 14.81
N ILE B 266 10.60 12.60 15.02
CA ILE B 266 9.93 11.52 15.74
C ILE B 266 10.03 11.65 17.25
N GLN B 267 8.89 11.60 17.92
CA GLN B 267 8.89 11.45 19.37
C GLN B 267 8.86 9.97 19.71
N VAL B 268 9.75 9.52 20.59
CA VAL B 268 9.85 8.10 20.92
C VAL B 268 8.66 7.64 21.75
N ILE B 269 8.11 6.48 21.38
CA ILE B 269 7.04 5.82 22.13
C ILE B 269 7.66 4.74 23.02
N PRO B 270 7.31 4.74 24.32
CA PRO B 270 7.91 3.76 25.23
C PRO B 270 7.40 2.35 24.96
N LEU B 271 8.32 1.39 24.86
CA LEU B 271 7.96 0.02 24.54
C LEU B 271 8.85 -0.97 25.27
N GLN B 272 8.29 -2.13 25.60
CA GLN B 272 9.07 -3.22 26.14
C GLN B 272 9.95 -3.82 25.05
N ARG B 273 11.26 -3.89 25.30
CA ARG B 273 12.19 -4.47 24.34
C ARG B 273 11.93 -5.96 24.15
N ASP B 274 12.39 -6.50 23.03
CA ASP B 274 12.24 -7.92 22.76
C ASP B 274 13.08 -8.75 23.73
N ASP B 275 14.10 -8.14 24.32
CA ASP B 275 14.93 -8.88 25.27
C ASP B 275 14.58 -8.52 26.73
N GLU B 276 13.36 -8.00 26.92
CA GLU B 276 12.80 -7.72 28.24
C GLU B 276 11.50 -8.50 28.51
N ASP B 277 11.26 -8.82 29.79
CA ASP B 277 10.01 -9.42 30.26
C ASP B 277 9.02 -8.38 30.77
MN MN C . -2.46 15.14 -10.24
MN MN D . -3.68 11.97 -12.27
MN MN E . -5.91 11.08 -9.43
C1 GOL F . -5.28 11.43 -5.82
O1 GOL F . -5.25 11.50 -7.23
C2 GOL F . -4.93 10.05 -5.31
O2 GOL F . -5.40 9.07 -6.23
C3 GOL F . -5.66 9.87 -3.98
O3 GOL F . -5.60 11.10 -3.28
C1 GOL G . -1.47 5.60 7.22
O1 GOL G . -2.38 4.70 6.62
C2 GOL G . -0.79 6.40 6.13
O2 GOL G . -0.08 5.51 5.29
C3 GOL G . -1.85 7.05 5.29
O3 GOL G . -1.24 7.53 4.10
C1 GOL H . -10.73 22.73 -2.92
O1 GOL H . -11.55 23.18 -1.87
C2 GOL H . -9.27 22.81 -2.50
O2 GOL H . -9.15 22.34 -1.17
C3 GOL H . -8.43 21.93 -3.43
O3 GOL H . -8.33 20.64 -2.87
O1 MES I . -0.62 12.47 -4.20
C2 MES I . -0.29 11.23 -4.85
C3 MES I . -0.24 11.28 -6.39
N4 MES I . -1.52 11.85 -6.65
C5 MES I . -1.77 13.21 -6.21
C6 MES I . -1.85 13.04 -4.69
C7 MES I . -2.41 11.13 -7.49
C8 MES I . -1.85 11.45 -8.83
S MES I . -2.85 12.44 -9.66
O1S MES I . -2.08 12.89 -10.87
O2S MES I . -3.29 13.65 -8.88
O3S MES I . -4.02 11.60 -10.11
MN MN J . 5.35 -9.25 11.69
MN MN K . 3.81 -12.62 11.79
MN MN L . 1.43 -11.37 14.59
C1 GOL M . 4.38 -4.32 11.51
O1 GOL M . 3.46 -3.45 12.14
C2 GOL M . 3.63 -5.38 10.69
O2 GOL M . 4.51 -5.99 9.77
C3 GOL M . 3.07 -6.44 11.63
O3 GOL M . 4.06 -7.34 12.08
C1 GOL N . 11.27 11.83 -6.84
O1 GOL N . 11.04 12.86 -5.90
C2 GOL N . 12.54 11.04 -6.53
O2 GOL N . 12.56 9.92 -7.38
C3 GOL N . 12.61 10.60 -5.06
O3 GOL N . 13.00 9.25 -4.92
C1 GOL O . 8.53 -13.20 27.81
O1 GOL O . 7.16 -13.04 27.55
C2 GOL O . 9.31 -13.34 26.50
O2 GOL O . 8.65 -12.61 25.49
C3 GOL O . 10.72 -12.80 26.67
O3 GOL O . 11.52 -13.19 25.57
O1 MES P . -1.63 -5.77 8.92
C2 MES P . -1.05 -6.91 8.27
C3 MES P . 0.00 -7.41 9.31
N4 MES P . -0.58 -7.75 10.60
C5 MES P . -1.13 -6.56 11.24
C6 MES P . -1.06 -5.43 10.20
C7 MES P . 0.09 -8.68 11.55
C8 MES P . 1.36 -9.38 11.00
S MES P . 2.22 -10.29 12.11
O1S MES P . 3.65 -10.36 11.67
O2S MES P . 2.15 -9.70 13.50
O3S MES P . 1.70 -11.72 12.29
#